data_9DG6
#
_entry.id   9DG6
#
_cell.length_a   103.066
_cell.length_b   103.066
_cell.length_c   82.928
_cell.angle_alpha   90.000
_cell.angle_beta   90.000
_cell.angle_gamma   120.000
#
_symmetry.space_group_name_H-M   'P 32 2 1'
#
loop_
_entity.id
_entity.type
_entity.pdbx_description
1 polymer 'Tetrahydroprotoberberine N-methyltransferase'
2 non-polymer S-ADENOSYL-L-HOMOCYSTEINE
3 non-polymer (S)-cis-N-methylcanadine
4 non-polymer 'SULFATE ION'
5 water water
#
_entity_poly.entity_id   1
_entity_poly.type   'polypeptide(L)'
_entity_poly.pdbx_seq_one_letter_code
;MGSSHHHHHHGTGSYITSLYKKAGWMGSNEAQVKKESIGEIMGKLMQGEIGDEELSKRIKEIFGKRLQWGYKPTHQQQLA
FNLDFIKSLKEMDMSGEIDTMNEETYELPSAFLEAAFGKTIKQSGCYFKDETTTIDEAEEASHELYCERAQIKDGQTVLD
IGCGQGGLVLHIAQKYKNCHVTGLTNSKAQKNYILMQAEKLQLSNVDVILADVTKHESDKTYDRILVIETIEHMKNIQLF
MKKLSTWMTEDSLLFVDHICHKTFSHHFEAIDEDDWYSGFIFPKGCVTILSASALLYFQDDVTILDHWVVNGMHMARSVD
AWRKKLDKNMELAREILLPGLGSKEAVNGVITHIRTFCMGGYEQFSYNNGEEWMVAQMLFKKK
;
_entity_poly.pdbx_strand_id   A
#
# COMPACT_ATOMS: atom_id res chain seq x y z
N SER A 37 16.41 -26.46 -0.28
CA SER A 37 15.57 -26.25 -1.48
C SER A 37 15.12 -24.79 -1.55
N ILE A 38 14.96 -24.15 -0.37
CA ILE A 38 14.68 -22.72 -0.28
C ILE A 38 15.87 -21.94 -0.81
N GLY A 39 17.05 -22.20 -0.23
CA GLY A 39 18.29 -21.56 -0.65
C GLY A 39 18.56 -21.77 -2.13
N GLU A 40 18.16 -22.95 -2.64
CA GLU A 40 18.30 -23.29 -4.05
C GLU A 40 17.47 -22.33 -4.90
N ILE A 41 16.17 -22.26 -4.62
CA ILE A 41 15.25 -21.43 -5.40
C ILE A 41 15.72 -19.98 -5.34
N MET A 42 16.05 -19.52 -4.14
CA MET A 42 16.50 -18.14 -3.94
C MET A 42 17.77 -17.89 -4.76
N GLY A 43 18.63 -18.90 -4.84
CA GLY A 43 19.88 -18.82 -5.59
C GLY A 43 19.61 -18.57 -7.07
N LYS A 44 18.78 -19.43 -7.67
CA LYS A 44 18.42 -19.30 -9.07
C LYS A 44 17.72 -17.97 -9.32
N LEU A 45 16.91 -17.52 -8.35
CA LEU A 45 16.11 -16.31 -8.50
C LEU A 45 17.04 -15.10 -8.63
N MET A 46 17.97 -14.97 -7.68
CA MET A 46 18.90 -13.86 -7.64
C MET A 46 19.78 -13.85 -8.90
N GLN A 47 20.05 -15.04 -9.46
N GLN A 47 20.04 -15.03 -9.47
CA GLN A 47 20.91 -15.18 -10.62
CA GLN A 47 20.91 -15.19 -10.61
C GLN A 47 20.10 -15.16 -11.92
C GLN A 47 20.13 -15.08 -11.92
N GLY A 48 18.84 -14.78 -11.82
CA GLY A 48 17.96 -14.62 -12.98
C GLY A 48 17.78 -15.92 -13.75
N GLU A 49 17.82 -17.06 -13.04
CA GLU A 49 17.77 -18.36 -13.68
C GLU A 49 16.36 -18.95 -13.70
N ILE A 50 15.39 -18.26 -13.06
CA ILE A 50 14.00 -18.71 -13.13
C ILE A 50 13.28 -17.89 -14.20
N GLY A 51 12.82 -18.57 -15.24
CA GLY A 51 12.01 -17.93 -16.28
C GLY A 51 10.70 -17.40 -15.68
N ASP A 52 10.07 -16.46 -16.39
CA ASP A 52 8.89 -15.76 -15.88
C ASP A 52 7.71 -16.71 -15.70
N GLU A 53 7.56 -17.65 -16.64
CA GLU A 53 6.47 -18.60 -16.63
C GLU A 53 6.56 -19.46 -15.37
N GLU A 54 7.78 -19.94 -15.07
CA GLU A 54 8.00 -20.79 -13.91
C GLU A 54 7.81 -19.99 -12.62
N LEU A 55 8.28 -18.74 -12.64
CA LEU A 55 8.19 -17.88 -11.48
C LEU A 55 6.72 -17.62 -11.14
N SER A 56 5.94 -17.23 -12.16
CA SER A 56 4.51 -16.97 -12.00
C SER A 56 3.80 -18.22 -11.48
N LYS A 57 4.14 -19.39 -12.04
CA LYS A 57 3.54 -20.64 -11.61
C LYS A 57 3.85 -20.89 -10.14
N ARG A 58 5.11 -20.66 -9.73
CA ARG A 58 5.51 -20.98 -8.37
C ARG A 58 4.75 -20.09 -7.37
N ILE A 59 4.65 -18.80 -7.69
CA ILE A 59 4.06 -17.84 -6.77
C ILE A 59 2.54 -18.06 -6.71
N LYS A 60 1.93 -18.39 -7.86
CA LYS A 60 0.51 -18.67 -7.88
C LYS A 60 0.17 -19.82 -6.92
N GLU A 61 1.02 -20.85 -6.90
N GLU A 61 1.01 -20.85 -6.91
CA GLU A 61 0.79 -22.03 -6.06
CA GLU A 61 0.81 -22.02 -6.07
C GLU A 61 0.87 -21.65 -4.58
C GLU A 61 0.83 -21.61 -4.60
N ILE A 62 1.78 -20.74 -4.24
CA ILE A 62 1.91 -20.24 -2.88
C ILE A 62 0.63 -19.52 -2.47
N PHE A 63 0.09 -18.67 -3.37
CA PHE A 63 -1.16 -17.98 -3.08
C PHE A 63 -2.32 -18.97 -2.98
N GLY A 64 -2.29 -20.02 -3.81
CA GLY A 64 -3.31 -21.05 -3.75
C GLY A 64 -3.36 -21.68 -2.35
N LYS A 65 -2.19 -21.86 -1.73
CA LYS A 65 -2.13 -22.48 -0.42
C LYS A 65 -2.70 -21.55 0.63
N ARG A 66 -2.50 -20.24 0.47
CA ARG A 66 -3.10 -19.28 1.38
C ARG A 66 -4.63 -19.35 1.29
N LEU A 67 -5.18 -19.50 0.08
CA LEU A 67 -6.62 -19.65 -0.12
C LEU A 67 -7.15 -20.89 0.58
N GLN A 68 -6.42 -22.01 0.47
CA GLN A 68 -6.87 -23.24 1.12
C GLN A 68 -6.84 -23.08 2.65
N TRP A 69 -5.87 -22.31 3.14
CA TRP A 69 -5.72 -22.03 4.55
C TRP A 69 -6.86 -21.15 5.07
N GLY A 70 -7.36 -20.23 4.22
CA GLY A 70 -8.22 -19.15 4.70
C GLY A 70 -9.71 -19.45 4.57
N TYR A 71 -10.10 -20.25 3.57
CA TYR A 71 -11.51 -20.56 3.36
C TYR A 71 -11.94 -21.71 4.26
N LYS A 72 -12.99 -21.49 5.08
CA LYS A 72 -13.52 -22.51 5.97
C LYS A 72 -14.78 -23.15 5.37
N PRO A 73 -15.12 -24.40 5.77
CA PRO A 73 -16.26 -25.11 5.19
C PRO A 73 -17.64 -24.58 5.55
N THR A 74 -17.76 -23.82 6.65
CA THR A 74 -19.06 -23.27 7.08
C THR A 74 -18.86 -21.81 7.45
N HIS A 75 -19.92 -21.01 7.36
CA HIS A 75 -19.80 -19.62 7.76
C HIS A 75 -19.57 -19.56 9.26
N GLN A 76 -20.10 -20.54 9.99
CA GLN A 76 -19.84 -20.60 11.42
C GLN A 76 -18.33 -20.61 11.66
N GLN A 77 -17.62 -21.49 10.95
CA GLN A 77 -16.19 -21.61 11.10
C GLN A 77 -15.47 -20.38 10.50
N GLN A 78 -15.99 -19.85 9.39
CA GLN A 78 -15.36 -18.71 8.76
C GLN A 78 -15.34 -17.54 9.73
N LEU A 79 -16.47 -17.30 10.42
CA LEU A 79 -16.52 -16.21 11.39
C LEU A 79 -15.65 -16.52 12.61
N ALA A 80 -15.59 -17.80 13.03
CA ALA A 80 -14.75 -18.10 14.18
C ALA A 80 -13.29 -17.77 13.84
N PHE A 81 -12.88 -18.10 12.61
CA PHE A 81 -11.53 -17.87 12.13
C PHE A 81 -11.25 -16.36 12.07
N ASN A 82 -12.19 -15.63 11.46
CA ASN A 82 -11.98 -14.20 11.23
C ASN A 82 -11.95 -13.46 12.56
N LEU A 83 -12.84 -13.85 13.48
CA LEU A 83 -12.93 -13.18 14.78
C LEU A 83 -11.68 -13.45 15.62
N ASP A 84 -11.16 -14.67 15.55
CA ASP A 84 -9.93 -15.00 16.24
C ASP A 84 -8.79 -14.07 15.79
N PHE A 85 -8.71 -13.85 14.47
CA PHE A 85 -7.68 -12.99 13.90
C PHE A 85 -7.84 -11.56 14.44
N ILE A 86 -9.08 -11.05 14.37
CA ILE A 86 -9.37 -9.69 14.80
C ILE A 86 -9.01 -9.53 16.28
N LYS A 87 -9.37 -10.51 17.10
CA LYS A 87 -9.07 -10.43 18.53
C LYS A 87 -7.56 -10.39 18.77
N SER A 88 -6.82 -11.16 17.98
CA SER A 88 -5.38 -11.25 18.12
C SER A 88 -4.73 -9.89 17.86
N LEU A 89 -5.30 -9.12 16.91
CA LEU A 89 -4.78 -7.79 16.59
C LEU A 89 -4.89 -6.87 17.81
N LYS A 90 -5.91 -7.06 18.63
CA LYS A 90 -6.14 -6.17 19.77
C LYS A 90 -5.14 -6.39 20.90
N GLU A 91 -4.29 -7.42 20.77
N GLU A 91 -4.30 -7.43 20.76
CA GLU A 91 -3.28 -7.70 21.80
CA GLU A 91 -3.28 -7.75 21.77
C GLU A 91 -1.94 -7.03 21.45
C GLU A 91 -1.88 -7.40 21.27
N MET A 92 -1.81 -6.59 20.20
CA MET A 92 -0.52 -6.21 19.63
C MET A 92 -0.26 -4.72 19.78
N ASP A 93 0.98 -4.30 19.46
CA ASP A 93 1.29 -2.88 19.35
C ASP A 93 0.59 -2.29 18.13
N MET A 94 0.40 -0.97 18.14
CA MET A 94 -0.23 -0.26 17.03
C MET A 94 0.56 -0.50 15.74
N SER A 95 1.88 -0.28 15.84
CA SER A 95 2.76 -0.37 14.69
C SER A 95 3.12 -1.81 14.38
N GLY A 96 3.21 -2.12 13.08
CA GLY A 96 3.89 -3.33 12.64
C GLY A 96 5.40 -3.12 12.67
N GLU A 97 6.15 -4.12 12.18
CA GLU A 97 7.60 -4.02 12.09
C GLU A 97 7.97 -3.22 10.85
N ILE A 98 8.29 -1.93 11.05
CA ILE A 98 8.41 -0.99 9.95
C ILE A 98 9.86 -0.55 9.70
N ASP A 99 10.72 -0.66 10.73
CA ASP A 99 12.07 -0.10 10.72
C ASP A 99 12.85 -0.51 9.47
N THR A 100 12.94 -1.82 9.21
CA THR A 100 13.72 -2.36 8.11
C THR A 100 13.16 -1.88 6.77
N MET A 101 11.84 -1.96 6.60
CA MET A 101 11.28 -1.66 5.30
C MET A 101 11.43 -0.17 4.99
N ASN A 102 11.34 0.67 6.03
CA ASN A 102 11.54 2.10 5.86
C ASN A 102 12.94 2.37 5.30
N GLU A 103 13.98 1.81 5.95
CA GLU A 103 15.37 2.04 5.57
C GLU A 103 15.66 1.47 4.18
N GLU A 104 15.18 0.25 3.92
CA GLU A 104 15.59 -0.50 2.74
C GLU A 104 14.74 -0.11 1.52
N THR A 105 13.45 0.18 1.73
CA THR A 105 12.53 0.33 0.61
C THR A 105 12.01 1.77 0.53
N TYR A 106 11.44 2.27 1.64
CA TYR A 106 10.78 3.57 1.63
C TYR A 106 11.81 4.71 1.60
N GLU A 107 13.10 4.38 1.75
CA GLU A 107 14.16 5.37 1.67
C GLU A 107 15.01 5.19 0.42
N LEU A 108 14.48 4.47 -0.58
CA LEU A 108 15.14 4.33 -1.88
C LEU A 108 15.18 5.67 -2.62
N PRO A 109 16.11 5.86 -3.58
CA PRO A 109 16.23 7.12 -4.31
C PRO A 109 15.05 7.35 -5.24
N SER A 110 14.48 8.57 -5.18
N SER A 110 14.50 8.57 -5.21
CA SER A 110 13.32 8.95 -5.95
CA SER A 110 13.31 8.94 -5.95
C SER A 110 13.54 8.69 -7.44
C SER A 110 13.52 8.78 -7.45
N ALA A 111 14.77 8.96 -7.90
CA ALA A 111 15.09 8.83 -9.33
C ALA A 111 15.01 7.37 -9.81
N PHE A 112 15.28 6.41 -8.92
CA PHE A 112 15.07 5.02 -9.28
C PHE A 112 13.56 4.74 -9.34
N LEU A 113 12.83 5.30 -8.38
CA LEU A 113 11.39 5.08 -8.30
C LEU A 113 10.69 5.63 -9.54
N GLU A 114 11.22 6.74 -10.08
CA GLU A 114 10.70 7.35 -11.30
C GLU A 114 10.78 6.39 -12.48
N ALA A 115 11.79 5.52 -12.50
CA ALA A 115 12.02 4.69 -13.68
C ALA A 115 11.14 3.43 -13.64
N ALA A 116 10.57 3.12 -12.46
CA ALA A 116 9.75 1.92 -12.28
C ALA A 116 8.26 2.26 -12.20
N PHE A 117 7.91 3.35 -11.52
CA PHE A 117 6.51 3.67 -11.24
C PHE A 117 6.03 4.74 -12.21
N GLY A 118 4.74 5.09 -12.07
CA GLY A 118 4.11 6.09 -12.92
C GLY A 118 4.61 7.49 -12.57
N LYS A 119 4.08 8.48 -13.31
CA LYS A 119 4.55 9.86 -13.27
C LYS A 119 4.59 10.43 -11.85
N THR A 120 3.59 10.12 -11.01
CA THR A 120 3.57 10.68 -9.66
C THR A 120 4.14 9.70 -8.64
N ILE A 121 4.66 8.57 -9.14
CA ILE A 121 5.34 7.56 -8.34
C ILE A 121 4.39 7.01 -7.28
N LYS A 122 3.15 6.74 -7.72
CA LYS A 122 2.16 6.19 -6.82
C LYS A 122 2.54 4.75 -6.50
N GLN A 123 2.51 4.40 -5.20
CA GLN A 123 2.83 3.06 -4.75
C GLN A 123 1.63 2.42 -4.08
N SER A 124 0.60 2.18 -4.88
CA SER A 124 -0.69 1.75 -4.42
C SER A 124 -1.50 1.37 -5.65
N GLY A 125 -2.51 0.52 -5.46
CA GLY A 125 -3.33 0.09 -6.58
C GLY A 125 -3.91 1.30 -7.30
N CYS A 126 -3.88 1.26 -8.63
CA CYS A 126 -4.43 2.33 -9.45
C CYS A 126 -5.67 1.82 -10.18
N TYR A 127 -6.30 2.67 -11.00
CA TYR A 127 -7.63 2.34 -11.49
C TYR A 127 -7.60 2.45 -13.00
N PHE A 128 -7.88 1.35 -13.70
CA PHE A 128 -7.74 1.31 -15.16
C PHE A 128 -9.10 1.21 -15.82
N LYS A 129 -9.54 2.30 -16.47
CA LYS A 129 -10.83 2.29 -17.13
C LYS A 129 -10.82 1.34 -18.33
N ASP A 130 -9.77 1.45 -19.16
CA ASP A 130 -9.74 0.84 -20.48
C ASP A 130 -8.54 -0.09 -20.64
N GLU A 131 -8.64 -0.97 -21.64
CA GLU A 131 -7.54 -1.86 -22.01
C GLU A 131 -6.28 -1.01 -22.25
N THR A 132 -6.47 0.21 -22.77
CA THR A 132 -5.34 0.99 -23.25
C THR A 132 -4.90 2.04 -22.23
N THR A 133 -5.54 2.09 -21.05
CA THR A 133 -5.18 3.07 -20.03
C THR A 133 -3.73 2.85 -19.61
N THR A 134 -2.97 3.95 -19.53
CA THR A 134 -1.57 3.90 -19.13
C THR A 134 -1.51 4.05 -17.62
N ILE A 135 -0.35 3.71 -17.04
CA ILE A 135 -0.19 3.83 -15.60
C ILE A 135 -0.37 5.29 -15.18
N ASP A 136 0.11 6.24 -15.99
CA ASP A 136 -0.04 7.65 -15.61
C ASP A 136 -1.52 8.03 -15.52
N GLU A 137 -2.31 7.51 -16.46
CA GLU A 137 -3.75 7.80 -16.46
C GLU A 137 -4.42 7.11 -15.28
N ALA A 138 -3.97 5.90 -14.98
CA ALA A 138 -4.55 5.10 -13.90
C ALA A 138 -4.26 5.71 -12.52
N GLU A 139 -3.08 6.33 -12.35
CA GLU A 139 -2.78 7.07 -11.13
C GLU A 139 -3.80 8.19 -10.95
N GLU A 140 -4.00 8.99 -12.01
CA GLU A 140 -4.90 10.13 -11.90
C GLU A 140 -6.33 9.69 -11.61
N ALA A 141 -6.79 8.63 -12.28
CA ALA A 141 -8.13 8.11 -12.07
C ALA A 141 -8.31 7.62 -10.63
N SER A 142 -7.26 7.05 -10.04
N SER A 142 -7.27 7.03 -10.07
CA SER A 142 -7.40 6.56 -8.67
CA SER A 142 -7.29 6.56 -8.70
C SER A 142 -7.35 7.73 -7.67
C SER A 142 -7.39 7.75 -7.75
N HIS A 143 -6.55 8.77 -7.98
CA HIS A 143 -6.63 9.99 -7.18
C HIS A 143 -8.04 10.60 -7.21
N GLU A 144 -8.64 10.66 -8.41
N GLU A 144 -8.66 10.64 -8.40
CA GLU A 144 -9.99 11.18 -8.56
CA GLU A 144 -10.00 11.21 -8.52
C GLU A 144 -10.98 10.37 -7.72
C GLU A 144 -11.00 10.36 -7.73
N LEU A 145 -10.85 9.03 -7.77
CA LEU A 145 -11.76 8.14 -7.08
C LEU A 145 -11.70 8.38 -5.57
N TYR A 146 -10.47 8.57 -5.04
CA TYR A 146 -10.28 8.88 -3.63
C TYR A 146 -10.93 10.23 -3.28
N CYS A 147 -10.75 11.25 -4.13
CA CYS A 147 -11.36 12.55 -3.83
C CYS A 147 -12.88 12.45 -3.81
N GLU A 148 -13.44 11.66 -4.73
CA GLU A 148 -14.89 11.47 -4.80
C GLU A 148 -15.38 10.75 -3.53
N ARG A 149 -14.78 9.60 -3.19
CA ARG A 149 -15.29 8.75 -2.12
C ARG A 149 -15.02 9.34 -0.74
N ALA A 150 -13.91 10.09 -0.62
CA ALA A 150 -13.62 10.79 0.62
C ALA A 150 -14.36 12.14 0.71
N GLN A 151 -15.14 12.50 -0.31
CA GLN A 151 -15.94 13.71 -0.28
C GLN A 151 -15.07 14.93 0.01
N ILE A 152 -13.93 15.03 -0.71
CA ILE A 152 -13.07 16.21 -0.64
C ILE A 152 -13.81 17.40 -1.25
N LYS A 153 -13.72 18.53 -0.55
CA LYS A 153 -14.31 19.77 -1.04
C LYS A 153 -13.32 20.90 -0.80
N ASP A 154 -13.37 21.90 -1.70
CA ASP A 154 -12.44 23.01 -1.62
C ASP A 154 -12.55 23.69 -0.25
N GLY A 155 -11.40 24.09 0.31
CA GLY A 155 -11.40 24.76 1.60
C GLY A 155 -11.11 23.84 2.79
N GLN A 156 -11.11 22.52 2.59
CA GLN A 156 -10.90 21.63 3.73
C GLN A 156 -9.42 21.51 4.06
N THR A 157 -9.13 21.21 5.34
CA THR A 157 -7.82 20.75 5.77
C THR A 157 -7.79 19.24 5.58
N VAL A 158 -6.67 18.73 5.03
CA VAL A 158 -6.59 17.34 4.60
C VAL A 158 -5.26 16.79 5.12
N LEU A 159 -5.31 15.59 5.73
CA LEU A 159 -4.09 14.92 6.15
C LEU A 159 -4.01 13.60 5.40
N ASP A 160 -2.86 13.37 4.73
CA ASP A 160 -2.61 12.12 4.02
C ASP A 160 -1.57 11.32 4.81
N ILE A 161 -2.01 10.25 5.47
CA ILE A 161 -1.16 9.47 6.36
C ILE A 161 -0.42 8.38 5.58
N GLY A 162 0.92 8.43 5.63
CA GLY A 162 1.76 7.58 4.80
C GLY A 162 1.67 8.02 3.34
N CYS A 163 2.01 9.29 3.08
CA CYS A 163 1.73 9.94 1.81
C CYS A 163 2.64 9.49 0.65
N GLY A 164 3.65 8.66 0.92
CA GLY A 164 4.54 8.21 -0.14
C GLY A 164 5.20 9.39 -0.84
N GLN A 165 5.21 9.35 -2.18
N GLN A 165 5.21 9.34 -2.18
CA GLN A 165 5.83 10.42 -2.95
CA GLN A 165 5.81 10.40 -2.99
C GLN A 165 4.82 11.54 -3.22
C GLN A 165 4.81 11.54 -3.22
N GLY A 166 3.65 11.47 -2.55
CA GLY A 166 2.73 12.58 -2.47
C GLY A 166 1.86 12.86 -3.71
N GLY A 167 1.66 11.86 -4.58
CA GLY A 167 0.80 12.03 -5.74
C GLY A 167 -0.59 12.55 -5.36
N LEU A 168 -1.16 12.00 -4.27
CA LEU A 168 -2.50 12.37 -3.83
C LEU A 168 -2.47 13.76 -3.18
N VAL A 169 -1.44 14.01 -2.36
CA VAL A 169 -1.27 15.33 -1.75
C VAL A 169 -1.23 16.41 -2.84
N LEU A 170 -0.40 16.18 -3.85
CA LEU A 170 -0.22 17.15 -4.93
C LEU A 170 -1.49 17.26 -5.77
N HIS A 171 -2.18 16.14 -5.99
CA HIS A 171 -3.42 16.18 -6.76
C HIS A 171 -4.45 17.08 -6.08
N ILE A 172 -4.66 16.84 -4.78
CA ILE A 172 -5.66 17.60 -4.03
C ILE A 172 -5.24 19.07 -3.97
N ALA A 173 -3.95 19.31 -3.74
CA ALA A 173 -3.48 20.69 -3.60
C ALA A 173 -3.71 21.48 -4.89
N GLN A 174 -3.50 20.83 -6.05
CA GLN A 174 -3.67 21.53 -7.32
C GLN A 174 -5.15 21.66 -7.68
N LYS A 175 -5.95 20.64 -7.38
CA LYS A 175 -7.35 20.67 -7.79
C LYS A 175 -8.18 21.57 -6.86
N TYR A 176 -7.82 21.64 -5.57
CA TYR A 176 -8.57 22.39 -4.58
C TYR A 176 -7.65 23.43 -3.94
N LYS A 177 -7.59 24.63 -4.53
N LYS A 177 -7.59 24.62 -4.55
CA LYS A 177 -6.57 25.60 -4.19
CA LYS A 177 -6.59 25.64 -4.22
C LYS A 177 -6.79 26.17 -2.79
C LYS A 177 -6.79 26.15 -2.80
N ASN A 178 -8.02 26.05 -2.27
CA ASN A 178 -8.30 26.56 -0.94
C ASN A 178 -8.13 25.49 0.13
N CYS A 179 -7.89 24.24 -0.28
CA CYS A 179 -7.51 23.23 0.69
C CYS A 179 -6.09 23.48 1.19
N HIS A 180 -5.86 23.20 2.47
N HIS A 180 -5.83 23.08 2.43
CA HIS A 180 -4.52 23.00 2.98
CA HIS A 180 -4.48 23.02 2.97
C HIS A 180 -4.30 21.49 3.08
C HIS A 180 -4.15 21.57 3.28
N VAL A 181 -3.20 21.01 2.51
CA VAL A 181 -2.96 19.57 2.44
C VAL A 181 -1.65 19.26 3.14
N THR A 182 -1.71 18.36 4.13
CA THR A 182 -0.53 17.92 4.85
C THR A 182 -0.28 16.46 4.51
N GLY A 183 0.94 16.14 4.07
CA GLY A 183 1.34 14.73 4.01
C GLY A 183 2.08 14.35 5.29
N LEU A 184 1.95 13.08 5.72
CA LEU A 184 2.77 12.61 6.83
C LEU A 184 3.46 11.32 6.41
N THR A 185 4.77 11.27 6.64
CA THR A 185 5.58 10.12 6.25
C THR A 185 6.76 10.03 7.21
N ASN A 186 7.27 8.80 7.40
CA ASN A 186 8.44 8.58 8.23
C ASN A 186 9.70 8.54 7.37
N SER A 187 9.57 8.86 6.07
CA SER A 187 10.69 8.83 5.13
C SER A 187 11.16 10.24 4.79
N LYS A 188 12.45 10.52 5.03
CA LYS A 188 13.06 11.79 4.66
C LYS A 188 13.07 12.01 3.15
N ALA A 189 13.35 10.95 2.38
CA ALA A 189 13.41 11.02 0.93
C ALA A 189 12.05 11.41 0.35
N GLN A 190 10.98 10.84 0.93
CA GLN A 190 9.63 11.14 0.49
C GLN A 190 9.31 12.60 0.79
N LYS A 191 9.55 13.04 2.03
CA LYS A 191 9.25 14.43 2.37
C LYS A 191 9.95 15.38 1.39
N ASN A 192 11.23 15.12 1.14
CA ASN A 192 12.06 16.01 0.34
C ASN A 192 11.55 16.03 -1.09
N TYR A 193 11.16 14.85 -1.61
CA TYR A 193 10.62 14.76 -2.95
C TYR A 193 9.34 15.61 -3.06
N ILE A 194 8.46 15.51 -2.05
CA ILE A 194 7.16 16.16 -2.13
C ILE A 194 7.34 17.67 -2.14
N LEU A 195 8.20 18.16 -1.25
CA LEU A 195 8.39 19.59 -1.09
C LEU A 195 9.01 20.21 -2.35
N MET A 196 9.93 19.47 -2.98
CA MET A 196 10.50 19.90 -4.23
C MET A 196 9.43 19.94 -5.33
N GLN A 197 8.60 18.89 -5.40
CA GLN A 197 7.55 18.87 -6.41
C GLN A 197 6.57 20.01 -6.19
N ALA A 198 6.21 20.28 -4.93
CA ALA A 198 5.24 21.32 -4.66
C ALA A 198 5.82 22.66 -5.13
N GLU A 199 7.12 22.87 -4.92
CA GLU A 199 7.79 24.09 -5.35
C GLU A 199 7.78 24.21 -6.88
N LYS A 200 8.06 23.11 -7.57
CA LYS A 200 8.08 23.11 -9.02
C LYS A 200 6.67 23.36 -9.59
N LEU A 201 5.64 22.85 -8.89
CA LEU A 201 4.28 22.95 -9.38
C LEU A 201 3.62 24.26 -8.92
N GLN A 202 4.36 25.10 -8.20
CA GLN A 202 3.87 26.40 -7.76
C GLN A 202 2.67 26.21 -6.83
N LEU A 203 2.78 25.22 -5.93
CA LEU A 203 1.77 24.99 -4.91
C LEU A 203 2.21 25.63 -3.61
N SER A 204 1.28 26.31 -2.94
CA SER A 204 1.59 27.04 -1.73
C SER A 204 0.86 26.46 -0.53
N ASN A 205 0.08 25.40 -0.77
CA ASN A 205 -0.86 24.91 0.23
C ASN A 205 -0.49 23.49 0.68
N VAL A 206 0.81 23.14 0.58
CA VAL A 206 1.28 21.80 0.93
C VAL A 206 2.31 21.90 2.05
N ASP A 207 2.17 21.04 3.07
CA ASP A 207 3.26 20.82 3.99
C ASP A 207 3.41 19.32 4.26
N VAL A 208 4.55 18.96 4.84
CA VAL A 208 4.78 17.55 5.12
C VAL A 208 5.30 17.41 6.54
N ILE A 209 4.67 16.51 7.31
CA ILE A 209 5.17 16.17 8.63
C ILE A 209 6.04 14.93 8.48
N LEU A 210 7.30 15.01 8.95
CA LEU A 210 8.16 13.85 9.07
C LEU A 210 7.98 13.22 10.46
N ALA A 211 7.32 12.07 10.49
CA ALA A 211 6.98 11.44 11.77
C ALA A 211 6.61 9.99 11.51
N ASP A 212 6.94 9.14 12.49
CA ASP A 212 6.30 7.85 12.64
C ASP A 212 4.88 8.09 13.18
N VAL A 213 3.87 7.74 12.39
CA VAL A 213 2.49 8.06 12.74
C VAL A 213 2.13 7.42 14.09
N THR A 214 2.79 6.30 14.44
CA THR A 214 2.43 5.63 15.67
C THR A 214 2.97 6.40 16.89
N LYS A 215 3.87 7.36 16.63
CA LYS A 215 4.51 8.12 17.71
C LYS A 215 4.10 9.59 17.67
N HIS A 216 3.44 10.02 16.57
CA HIS A 216 3.11 11.42 16.36
C HIS A 216 2.09 11.91 17.38
N GLU A 217 2.42 12.99 18.08
CA GLU A 217 1.51 13.60 19.02
C GLU A 217 1.21 15.01 18.52
N SER A 218 -0.07 15.35 18.48
CA SER A 218 -0.50 16.68 18.03
C SER A 218 -1.93 16.91 18.48
N ASP A 219 -2.26 18.19 18.69
CA ASP A 219 -3.62 18.59 19.03
C ASP A 219 -4.36 18.96 17.76
N LYS A 220 -3.64 19.02 16.63
CA LYS A 220 -4.22 19.47 15.37
C LYS A 220 -5.29 18.49 14.90
N THR A 221 -6.40 19.04 14.38
CA THR A 221 -7.44 18.24 13.74
C THR A 221 -7.55 18.63 12.28
N TYR A 222 -8.17 17.75 11.48
CA TYR A 222 -8.32 17.93 10.04
C TYR A 222 -9.75 17.56 9.64
N ASP A 223 -10.26 18.25 8.61
CA ASP A 223 -11.56 17.94 8.03
C ASP A 223 -11.55 16.57 7.36
N ARG A 224 -10.40 16.20 6.77
CA ARG A 224 -10.31 14.95 6.03
C ARG A 224 -8.99 14.25 6.37
N ILE A 225 -9.08 12.95 6.70
CA ILE A 225 -7.90 12.14 6.87
C ILE A 225 -7.96 10.98 5.87
N LEU A 226 -6.89 10.81 5.11
CA LEU A 226 -6.82 9.79 4.07
C LEU A 226 -5.69 8.83 4.42
N VAL A 227 -5.95 7.51 4.26
CA VAL A 227 -4.91 6.52 4.52
C VAL A 227 -4.94 5.53 3.35
N ILE A 228 -4.02 5.70 2.41
CA ILE A 228 -4.04 4.91 1.19
C ILE A 228 -2.94 3.85 1.28
N GLU A 229 -3.35 2.61 1.55
CA GLU A 229 -2.45 1.45 1.59
C GLU A 229 -1.30 1.65 2.58
N THR A 230 -1.62 2.27 3.73
CA THR A 230 -0.66 2.47 4.81
C THR A 230 -1.04 1.62 6.03
N ILE A 231 -2.35 1.40 6.24
CA ILE A 231 -2.83 0.70 7.42
C ILE A 231 -2.31 -0.73 7.46
N GLU A 232 -1.98 -1.29 6.29
CA GLU A 232 -1.34 -2.61 6.22
C GLU A 232 -0.04 -2.66 7.04
N HIS A 233 0.56 -1.50 7.36
CA HIS A 233 1.80 -1.46 8.09
C HIS A 233 1.55 -1.29 9.60
N MET A 234 0.28 -1.29 9.97
CA MET A 234 -0.12 -1.29 11.37
C MET A 234 -0.54 -2.70 11.80
N LYS A 235 -0.66 -2.90 13.11
CA LYS A 235 -1.11 -4.18 13.63
C LYS A 235 -2.36 -3.98 14.49
N ASN A 236 -2.21 -3.26 15.60
CA ASN A 236 -3.33 -3.02 16.49
C ASN A 236 -4.16 -1.89 15.90
N ILE A 237 -5.20 -2.26 15.15
CA ILE A 237 -6.02 -1.29 14.44
C ILE A 237 -6.85 -0.52 15.47
N GLN A 238 -7.12 -1.13 16.63
CA GLN A 238 -7.88 -0.48 17.68
C GLN A 238 -7.16 0.80 18.12
N LEU A 239 -5.85 0.69 18.37
N LEU A 239 -5.84 0.69 18.32
CA LEU A 239 -5.06 1.81 18.84
CA LEU A 239 -5.05 1.80 18.84
C LEU A 239 -4.87 2.84 17.72
C LEU A 239 -4.85 2.84 17.73
N PHE A 240 -4.68 2.36 16.49
CA PHE A 240 -4.45 3.23 15.35
C PHE A 240 -5.68 4.10 15.09
N MET A 241 -6.86 3.48 15.04
CA MET A 241 -8.10 4.19 14.78
C MET A 241 -8.38 5.18 15.92
N LYS A 242 -8.03 4.78 17.16
N LYS A 242 -8.02 4.80 17.15
CA LYS A 242 -8.23 5.64 18.32
CA LYS A 242 -8.24 5.64 18.32
C LYS A 242 -7.44 6.94 18.13
C LYS A 242 -7.43 6.94 18.17
N LYS A 243 -6.18 6.81 17.72
CA LYS A 243 -5.33 7.97 17.55
C LYS A 243 -5.88 8.87 16.43
N LEU A 244 -6.28 8.27 15.31
CA LEU A 244 -6.81 9.06 14.20
C LEU A 244 -8.05 9.84 14.64
N SER A 245 -8.84 9.24 15.54
CA SER A 245 -10.08 9.87 15.95
C SER A 245 -9.79 11.15 16.74
N THR A 246 -8.65 11.18 17.45
CA THR A 246 -8.28 12.38 18.21
C THR A 246 -7.84 13.52 17.29
N TRP A 247 -7.62 13.21 16.00
CA TRP A 247 -7.24 14.23 15.02
C TRP A 247 -8.44 14.62 14.14
N MET A 248 -9.64 14.24 14.59
CA MET A 248 -10.88 14.52 13.89
C MET A 248 -11.80 15.37 14.76
N THR A 249 -12.67 16.15 14.11
CA THR A 249 -13.79 16.78 14.78
C THR A 249 -15.07 16.06 14.36
N GLU A 250 -16.21 16.54 14.86
CA GLU A 250 -17.52 16.02 14.49
C GLU A 250 -17.81 16.22 13.00
N ASP A 251 -17.03 17.09 12.35
CA ASP A 251 -17.25 17.40 10.94
C ASP A 251 -16.33 16.57 10.05
N SER A 252 -15.38 15.82 10.62
CA SER A 252 -14.34 15.19 9.82
C SER A 252 -14.84 13.88 9.18
N LEU A 253 -14.16 13.47 8.10
CA LEU A 253 -14.31 12.14 7.52
C LEU A 253 -12.93 11.52 7.40
N LEU A 254 -12.87 10.20 7.61
CA LEU A 254 -11.69 9.38 7.50
C LEU A 254 -11.94 8.40 6.35
N PHE A 255 -11.00 8.36 5.39
CA PHE A 255 -11.08 7.46 4.25
C PHE A 255 -9.88 6.54 4.27
N VAL A 256 -10.14 5.22 4.23
CA VAL A 256 -9.07 4.23 4.25
C VAL A 256 -9.20 3.35 3.02
N ASP A 257 -8.06 3.07 2.38
CA ASP A 257 -7.97 2.13 1.27
C ASP A 257 -6.91 1.12 1.68
N HIS A 258 -7.22 -0.19 1.61
CA HIS A 258 -6.22 -1.18 1.97
C HIS A 258 -6.34 -2.42 1.08
N ILE A 259 -5.18 -3.03 0.81
CA ILE A 259 -5.16 -4.34 0.18
C ILE A 259 -5.93 -5.31 1.08
N CYS A 260 -6.72 -6.20 0.47
CA CYS A 260 -7.53 -7.10 1.28
C CYS A 260 -7.66 -8.45 0.60
N HIS A 261 -8.19 -9.43 1.36
CA HIS A 261 -8.84 -10.56 0.73
C HIS A 261 -10.33 -10.40 1.03
N LYS A 262 -11.19 -10.81 0.09
N LYS A 262 -11.19 -10.85 0.11
CA LYS A 262 -12.62 -10.55 0.28
CA LYS A 262 -12.62 -10.58 0.23
C LYS A 262 -13.18 -11.27 1.50
C LYS A 262 -13.29 -11.40 1.32
N THR A 263 -12.63 -12.43 1.86
CA THR A 263 -13.26 -13.33 2.82
C THR A 263 -12.52 -13.39 4.16
N PHE A 264 -11.18 -13.45 4.11
CA PHE A 264 -10.43 -13.69 5.34
C PHE A 264 -9.22 -12.75 5.44
N SER A 265 -8.64 -12.67 6.64
CA SER A 265 -7.46 -11.87 6.93
C SER A 265 -6.24 -12.78 7.04
N HIS A 266 -5.05 -12.25 6.70
CA HIS A 266 -3.82 -12.96 6.98
C HIS A 266 -2.66 -11.98 7.10
N HIS A 267 -1.66 -12.37 7.88
CA HIS A 267 -0.38 -11.68 7.85
C HIS A 267 0.32 -12.09 6.56
N PHE A 268 1.10 -11.17 5.99
CA PHE A 268 1.82 -11.43 4.75
C PHE A 268 3.14 -12.08 5.15
N GLU A 269 3.08 -13.40 5.36
CA GLU A 269 4.14 -14.17 6.00
C GLU A 269 4.10 -15.57 5.43
N ALA A 270 5.24 -16.28 5.53
CA ALA A 270 5.42 -17.58 4.90
C ALA A 270 4.31 -18.52 5.34
N ILE A 271 3.69 -19.15 4.34
CA ILE A 271 2.54 -20.02 4.55
C ILE A 271 3.03 -21.36 5.11
N ASP A 272 4.27 -21.74 4.74
CA ASP A 272 4.88 -22.98 5.18
C ASP A 272 6.39 -22.90 4.93
N GLU A 273 7.10 -24.02 5.11
CA GLU A 273 8.55 -24.03 5.01
C GLU A 273 9.00 -23.98 3.55
N ASP A 274 8.08 -24.23 2.62
CA ASP A 274 8.38 -24.18 1.19
C ASP A 274 8.18 -22.77 0.61
N ASP A 275 7.70 -21.83 1.43
CA ASP A 275 7.35 -20.50 0.95
C ASP A 275 8.57 -19.58 1.03
N TRP A 276 9.28 -19.49 -0.10
CA TRP A 276 10.43 -18.61 -0.24
C TRP A 276 9.99 -17.18 -0.54
N TYR A 277 8.74 -17.01 -0.99
CA TYR A 277 8.28 -15.75 -1.57
C TYR A 277 7.94 -14.71 -0.50
N SER A 278 7.07 -15.09 0.44
CA SER A 278 6.39 -14.11 1.27
C SER A 278 7.37 -13.29 2.09
N GLY A 279 8.34 -13.99 2.72
CA GLY A 279 9.32 -13.35 3.57
C GLY A 279 10.44 -12.66 2.76
N PHE A 280 10.54 -12.97 1.46
CA PHE A 280 11.42 -12.21 0.58
C PHE A 280 10.82 -10.83 0.30
N ILE A 281 9.49 -10.78 0.10
CA ILE A 281 8.84 -9.53 -0.27
C ILE A 281 8.77 -8.56 0.91
N PHE A 282 8.29 -9.04 2.06
CA PHE A 282 8.15 -8.20 3.23
C PHE A 282 8.78 -8.90 4.43
N PRO A 283 9.46 -8.15 5.34
CA PRO A 283 9.93 -8.72 6.60
C PRO A 283 8.78 -9.21 7.47
N LYS A 284 9.05 -10.25 8.28
CA LYS A 284 8.04 -10.75 9.20
C LYS A 284 7.51 -9.60 10.03
N GLY A 285 6.20 -9.54 10.20
CA GLY A 285 5.59 -8.57 11.09
C GLY A 285 5.32 -7.23 10.41
N CYS A 286 5.71 -7.09 9.15
CA CYS A 286 5.66 -5.78 8.48
C CYS A 286 4.26 -5.51 7.91
N VAL A 287 3.65 -6.50 7.26
CA VAL A 287 2.44 -6.26 6.47
C VAL A 287 1.32 -7.25 6.86
N THR A 288 0.13 -6.69 7.16
CA THR A 288 -1.10 -7.45 7.40
C THR A 288 -2.08 -7.22 6.24
N ILE A 289 -2.70 -8.30 5.75
CA ILE A 289 -3.76 -8.20 4.74
C ILE A 289 -5.09 -8.44 5.45
N LEU A 290 -5.78 -7.35 5.76
CA LEU A 290 -7.10 -7.45 6.39
C LEU A 290 -8.11 -8.01 5.40
N SER A 291 -9.12 -8.73 5.91
CA SER A 291 -10.27 -9.05 5.07
C SER A 291 -10.98 -7.75 4.64
N ALA A 292 -11.84 -7.88 3.62
CA ALA A 292 -12.60 -6.73 3.14
C ALA A 292 -13.51 -6.14 4.22
N SER A 293 -13.83 -6.92 5.27
N SER A 293 -13.85 -6.92 5.26
CA SER A 293 -14.76 -6.44 6.28
CA SER A 293 -14.75 -6.39 6.28
C SER A 293 -14.07 -6.17 7.62
C SER A 293 -14.11 -6.29 7.66
N ALA A 294 -12.78 -6.49 7.75
CA ALA A 294 -12.13 -6.53 9.05
C ALA A 294 -12.23 -5.20 9.78
N LEU A 295 -12.17 -4.08 9.04
CA LEU A 295 -12.17 -2.77 9.70
C LEU A 295 -13.54 -2.46 10.31
N LEU A 296 -14.60 -3.19 9.92
CA LEU A 296 -15.91 -2.98 10.52
C LEU A 296 -15.86 -3.31 12.02
N TYR A 297 -14.85 -4.07 12.44
CA TYR A 297 -14.77 -4.50 13.84
C TYR A 297 -13.89 -3.54 14.64
N PHE A 298 -13.50 -2.42 14.02
CA PHE A 298 -12.63 -1.44 14.65
C PHE A 298 -13.35 -0.10 14.72
N GLN A 299 -14.58 -0.12 15.24
CA GLN A 299 -15.41 1.07 15.32
C GLN A 299 -15.63 1.50 16.77
N ASP A 300 -14.61 1.36 17.64
CA ASP A 300 -14.72 1.90 18.99
C ASP A 300 -14.82 3.42 18.95
N ASP A 301 -14.09 4.05 18.01
CA ASP A 301 -13.85 5.49 18.08
C ASP A 301 -14.25 6.21 16.79
N VAL A 302 -14.51 5.44 15.73
CA VAL A 302 -15.07 5.98 14.50
C VAL A 302 -16.25 5.11 14.08
N THR A 303 -17.09 5.64 13.19
CA THR A 303 -18.28 4.93 12.74
C THR A 303 -18.34 4.92 11.23
N ILE A 304 -18.62 3.75 10.67
CA ILE A 304 -18.65 3.56 9.23
C ILE A 304 -19.83 4.31 8.61
N LEU A 305 -19.58 4.89 7.41
CA LEU A 305 -20.59 5.54 6.60
C LEU A 305 -20.74 4.84 5.26
N ASP A 306 -19.63 4.32 4.72
CA ASP A 306 -19.71 3.68 3.41
C ASP A 306 -18.56 2.69 3.27
N HIS A 307 -18.71 1.76 2.32
CA HIS A 307 -17.81 0.62 2.20
C HIS A 307 -17.87 0.11 0.77
N TRP A 308 -16.70 -0.06 0.14
CA TRP A 308 -16.58 -0.52 -1.22
C TRP A 308 -15.41 -1.50 -1.35
N VAL A 309 -15.37 -2.25 -2.44
CA VAL A 309 -14.11 -2.87 -2.86
C VAL A 309 -13.92 -2.57 -4.34
N VAL A 310 -12.65 -2.58 -4.75
CA VAL A 310 -12.27 -2.46 -6.15
C VAL A 310 -11.65 -3.80 -6.54
N ASN A 311 -12.17 -4.39 -7.63
CA ASN A 311 -11.76 -5.69 -8.10
C ASN A 311 -10.24 -5.73 -8.30
N GLY A 312 -9.64 -6.89 -8.03
CA GLY A 312 -8.19 -7.03 -8.00
C GLY A 312 -7.48 -6.89 -9.35
N MET A 313 -8.23 -6.92 -10.46
CA MET A 313 -7.57 -6.75 -11.75
C MET A 313 -6.96 -5.36 -11.90
N HIS A 314 -7.50 -4.36 -11.19
CA HIS A 314 -6.92 -3.02 -11.19
C HIS A 314 -5.51 -3.03 -10.61
N MET A 315 -5.36 -3.65 -9.43
CA MET A 315 -4.04 -3.84 -8.83
C MET A 315 -3.16 -4.70 -9.74
N ALA A 316 -3.71 -5.77 -10.33
CA ALA A 316 -2.92 -6.60 -11.22
C ALA A 316 -2.36 -5.77 -12.38
N ARG A 317 -3.21 -4.93 -12.96
CA ARG A 317 -2.78 -4.08 -14.06
C ARG A 317 -1.74 -3.10 -13.56
N SER A 318 -1.82 -2.71 -12.28
CA SER A 318 -0.90 -1.73 -11.73
C SER A 318 0.50 -2.32 -11.62
N VAL A 319 0.60 -3.52 -11.03
CA VAL A 319 1.90 -4.14 -10.82
C VAL A 319 2.47 -4.56 -12.18
N ASP A 320 1.60 -4.95 -13.11
CA ASP A 320 2.07 -5.34 -14.45
C ASP A 320 2.72 -4.15 -15.15
N ALA A 321 2.13 -2.96 -15.01
CA ALA A 321 2.66 -1.76 -15.66
C ALA A 321 4.01 -1.38 -15.04
N TRP A 322 4.12 -1.50 -13.70
CA TRP A 322 5.38 -1.27 -13.02
C TRP A 322 6.45 -2.26 -13.50
N ARG A 323 6.07 -3.54 -13.61
CA ARG A 323 7.03 -4.57 -13.99
C ARG A 323 7.57 -4.27 -15.38
N LYS A 324 6.65 -3.96 -16.31
CA LYS A 324 7.00 -3.72 -17.71
C LYS A 324 7.88 -2.48 -17.83
N LYS A 325 7.61 -1.47 -16.98
CA LYS A 325 8.34 -0.21 -17.04
C LYS A 325 9.74 -0.38 -16.46
N LEU A 326 9.86 -1.12 -15.35
CA LEU A 326 11.17 -1.46 -14.81
C LEU A 326 11.99 -2.21 -15.85
N ASP A 327 11.40 -3.22 -16.49
CA ASP A 327 12.06 -3.98 -17.55
C ASP A 327 12.57 -3.07 -18.66
N LYS A 328 11.71 -2.15 -19.13
CA LYS A 328 12.05 -1.21 -20.19
C LYS A 328 13.26 -0.36 -19.80
N ASN A 329 13.34 0.04 -18.53
CA ASN A 329 14.33 0.98 -18.06
C ASN A 329 15.40 0.28 -17.21
N MET A 330 15.61 -1.00 -17.48
CA MET A 330 16.43 -1.87 -16.63
C MET A 330 17.86 -1.32 -16.53
N GLU A 331 18.45 -1.00 -17.68
CA GLU A 331 19.83 -0.54 -17.72
C GLU A 331 19.95 0.77 -16.95
N LEU A 332 18.99 1.67 -17.16
CA LEU A 332 18.97 2.97 -16.51
C LEU A 332 18.84 2.81 -14.99
N ALA A 333 17.99 1.87 -14.56
CA ALA A 333 17.72 1.65 -13.15
C ALA A 333 19.01 1.24 -12.42
N ARG A 334 19.78 0.37 -13.05
CA ARG A 334 21.01 -0.17 -12.49
C ARG A 334 22.03 0.94 -12.30
N GLU A 335 22.10 1.86 -13.27
CA GLU A 335 23.02 2.99 -13.23
C GLU A 335 22.65 3.94 -12.10
N ILE A 336 21.34 4.14 -11.86
CA ILE A 336 20.89 5.05 -10.82
C ILE A 336 21.26 4.49 -9.46
N LEU A 337 21.23 3.16 -9.34
CA LEU A 337 21.28 2.51 -8.04
C LEU A 337 22.73 2.28 -7.58
N LEU A 338 23.63 2.12 -8.56
CA LEU A 338 24.99 1.66 -8.35
C LEU A 338 25.75 2.51 -7.32
N PRO A 339 25.72 3.86 -7.37
CA PRO A 339 26.35 4.67 -6.34
C PRO A 339 25.99 4.27 -4.91
N GLY A 340 24.73 4.51 -4.52
CA GLY A 340 24.29 4.38 -3.15
C GLY A 340 24.33 2.94 -2.63
N LEU A 341 24.46 1.97 -3.53
CA LEU A 341 24.41 0.56 -3.18
C LEU A 341 25.81 -0.06 -3.13
N GLY A 342 26.67 0.32 -4.08
CA GLY A 342 28.09 0.04 -3.97
C GLY A 342 28.56 -1.14 -4.82
N SER A 343 27.63 -2.02 -5.19
CA SER A 343 27.99 -3.19 -5.98
C SER A 343 26.88 -3.55 -6.96
N LYS A 344 27.27 -4.08 -8.14
CA LYS A 344 26.35 -4.57 -9.15
C LYS A 344 25.48 -5.68 -8.58
N GLU A 345 26.00 -6.41 -7.59
CA GLU A 345 25.30 -7.52 -6.96
C GLU A 345 24.17 -6.97 -6.09
N ALA A 346 24.46 -5.93 -5.31
CA ALA A 346 23.49 -5.35 -4.39
C ALA A 346 22.39 -4.62 -5.16
N VAL A 347 22.76 -4.06 -6.31
CA VAL A 347 21.83 -3.39 -7.21
C VAL A 347 20.86 -4.43 -7.78
N ASN A 348 21.41 -5.58 -8.21
CA ASN A 348 20.61 -6.65 -8.79
C ASN A 348 19.65 -7.22 -7.74
N GLY A 349 20.04 -7.11 -6.47
CA GLY A 349 19.24 -7.58 -5.34
C GLY A 349 17.96 -6.74 -5.18
N VAL A 350 18.13 -5.41 -5.22
CA VAL A 350 17.04 -4.47 -5.07
C VAL A 350 16.10 -4.64 -6.26
N ILE A 351 16.68 -4.79 -7.46
CA ILE A 351 15.91 -4.89 -8.68
C ILE A 351 15.10 -6.19 -8.68
N THR A 352 15.73 -7.30 -8.28
CA THR A 352 15.09 -8.60 -8.20
C THR A 352 13.91 -8.55 -7.22
N HIS A 353 14.10 -7.86 -6.10
CA HIS A 353 13.07 -7.72 -5.08
C HIS A 353 11.84 -7.02 -5.65
N ILE A 354 12.05 -5.91 -6.36
N ILE A 354 12.04 -5.88 -6.33
CA ILE A 354 10.96 -5.08 -6.85
CA ILE A 354 10.97 -5.07 -6.86
C ILE A 354 10.26 -5.76 -8.03
C ILE A 354 10.26 -5.83 -7.98
N ARG A 355 11.05 -6.47 -8.86
CA ARG A 355 10.47 -7.15 -10.00
C ARG A 355 9.65 -8.35 -9.53
N THR A 356 10.18 -9.05 -8.52
CA THR A 356 9.51 -10.24 -8.03
C THR A 356 8.23 -9.85 -7.29
N PHE A 357 8.27 -8.70 -6.60
CA PHE A 357 7.08 -8.14 -5.97
C PHE A 357 5.98 -7.97 -7.02
N CYS A 358 6.36 -7.45 -8.21
CA CYS A 358 5.38 -7.20 -9.26
C CYS A 358 4.89 -8.52 -9.86
N MET A 359 5.81 -9.44 -10.16
CA MET A 359 5.43 -10.72 -10.75
C MET A 359 4.48 -11.50 -9.83
N GLY A 360 4.81 -11.54 -8.54
CA GLY A 360 4.00 -12.21 -7.53
C GLY A 360 2.68 -11.49 -7.30
N GLY A 361 2.72 -10.15 -7.22
CA GLY A 361 1.50 -9.37 -7.07
C GLY A 361 0.53 -9.64 -8.21
N TYR A 362 1.07 -9.85 -9.42
CA TYR A 362 0.22 -10.15 -10.57
C TYR A 362 -0.60 -11.40 -10.31
N GLU A 363 0.05 -12.46 -9.81
CA GLU A 363 -0.63 -13.72 -9.57
C GLU A 363 -1.63 -13.57 -8.42
N GLN A 364 -1.24 -12.83 -7.38
CA GLN A 364 -2.09 -12.63 -6.20
C GLN A 364 -3.38 -11.92 -6.60
N PHE A 365 -3.25 -10.77 -7.29
CA PHE A 365 -4.40 -9.91 -7.51
C PHE A 365 -5.23 -10.37 -8.70
N SER A 366 -4.61 -11.04 -9.68
CA SER A 366 -5.36 -11.54 -10.83
C SER A 366 -6.06 -12.87 -10.52
N TYR A 367 -5.78 -13.47 -9.37
CA TYR A 367 -6.31 -14.78 -9.04
C TYR A 367 -7.84 -14.77 -9.18
N ASN A 368 -8.40 -15.73 -9.92
CA ASN A 368 -9.84 -15.81 -10.15
C ASN A 368 -10.42 -14.47 -10.64
N ASN A 369 -9.74 -13.87 -11.62
N ASN A 369 -9.75 -13.86 -11.62
CA ASN A 369 -10.22 -12.66 -12.31
CA ASN A 369 -10.28 -12.68 -12.31
C ASN A 369 -10.50 -11.55 -11.30
C ASN A 369 -10.44 -11.49 -11.35
N GLY A 370 -9.62 -11.46 -10.30
CA GLY A 370 -9.62 -10.32 -9.38
C GLY A 370 -10.57 -10.49 -8.19
N GLU A 371 -11.11 -11.71 -8.00
CA GLU A 371 -12.14 -11.96 -7.00
C GLU A 371 -11.61 -12.71 -5.78
N GLU A 372 -10.31 -12.57 -5.49
CA GLU A 372 -9.75 -13.10 -4.26
C GLU A 372 -9.15 -11.96 -3.46
N TRP A 373 -7.94 -11.53 -3.85
CA TRP A 373 -7.31 -10.36 -3.26
C TRP A 373 -7.68 -9.13 -4.08
N MET A 374 -7.98 -8.04 -3.38
CA MET A 374 -8.47 -6.85 -4.06
C MET A 374 -8.18 -5.67 -3.16
N VAL A 375 -8.88 -4.55 -3.38
CA VAL A 375 -8.66 -3.36 -2.57
C VAL A 375 -9.97 -3.03 -1.88
N ALA A 376 -9.93 -2.79 -0.56
CA ALA A 376 -11.11 -2.40 0.21
C ALA A 376 -11.02 -0.90 0.48
N GLN A 377 -12.17 -0.23 0.50
CA GLN A 377 -12.22 1.19 0.85
C GLN A 377 -13.36 1.42 1.85
N MET A 378 -13.12 2.25 2.87
CA MET A 378 -14.16 2.59 3.81
C MET A 378 -14.09 4.08 4.16
N LEU A 379 -15.28 4.63 4.41
CA LEU A 379 -15.45 6.01 4.86
C LEU A 379 -16.04 5.97 6.26
N PHE A 380 -15.42 6.71 7.18
CA PHE A 380 -15.87 6.80 8.56
C PHE A 380 -16.04 8.26 8.98
N LYS A 381 -16.91 8.47 9.98
CA LYS A 381 -16.86 9.70 10.76
C LYS A 381 -16.46 9.38 12.20
N LYS A 382 -16.18 10.42 12.97
CA LYS A 382 -15.87 10.25 14.37
C LYS A 382 -17.15 9.90 15.15
N LYS A 383 -16.99 9.07 16.19
CA LYS A 383 -18.08 8.77 17.11
C LYS A 383 -19.04 9.96 17.29
#